data_7DLH
#
_entry.id   7DLH
#
_cell.length_a   56.298
_cell.length_b   112.665
_cell.length_c   111.585
_cell.angle_alpha   90.000
_cell.angle_beta   90.000
_cell.angle_gamma   90.000
#
_symmetry.space_group_name_H-M   'C 2 2 21'
#
loop_
_entity.id
_entity.type
_entity.pdbx_description
1 polymer peroxidase
2 branched 2-acetamido-2-deoxy-beta-D-glucopyranose-(1-4)-2-acetamido-2-deoxy-beta-D-glucopyranose
3 branched alpha-D-mannopyranose-(2-3)-[2-acetamido-2-deoxy-beta-D-glucopyranose-(1-4)]2-acetamido-2-deoxy-beta-D-glucopyranose
4 non-polymer 'PROTOPORPHYRIN IX CONTAINING FE'
5 non-polymer alpha-L-fucopyranose
6 non-polymer 'CALCIUM ION'
7 non-polymer 'SODIUM ION'
8 non-polymer GLYCEROL
9 non-polymer 'CHLORIDE ION'
10 water water
#
_entity_poly.entity_id   1
_entity_poly.type   'polypeptide(L)'
_entity_poly.pdbx_seq_one_letter_code
;MGSSHHHHHHSSGLVPRGSHMASMTGGQQMGRGSPVARGLSYDFYKRSCPRAEAIVRSFVQDAVRRDVGLAAGLLRLHFH
DCFVQGCDASVLLDGSATGPAEKQAPPNLTLRPSAFKAINDIHDRLTRECGGSVVSCSDVLALAARDSVVVSGGPSYRVP
LGRRDSPSFATQQDVLAGLPPPTATVPALLAVLSKINLDATDLVALSGGHTIGLGHCTSFEGRLFPRPDPTLNATFAGRL
RQTCPAKGTDRRTVLDVRTPNIFDNKYYVNLVNREGLFTSDQDLFTNASTRVIVSKFARSQKSFFDQFTSSMVQMGQIKV
LTGSQGQIRSNCSARNQ
;
_entity_poly.pdbx_strand_id   A
#
# COMPACT_ATOMS: atom_id res chain seq x y z
N PRO A 35 -7.58 10.45 15.22
CA PRO A 35 -7.09 11.83 15.17
C PRO A 35 -6.73 12.28 13.75
N VAL A 36 -6.77 13.59 13.52
CA VAL A 36 -6.54 14.19 12.22
C VAL A 36 -5.47 15.26 12.35
N ALA A 37 -4.47 15.21 11.47
CA ALA A 37 -3.32 16.12 11.58
C ALA A 37 -3.74 17.55 11.28
N ARG A 38 -2.95 18.49 11.81
CA ARG A 38 -3.19 19.90 11.54
C ARG A 38 -3.23 20.15 10.04
N GLY A 39 -4.31 20.76 9.57
CA GLY A 39 -4.48 21.13 8.20
C GLY A 39 -5.40 20.22 7.41
N LEU A 40 -5.65 19.00 7.89
CA LEU A 40 -6.54 18.06 7.22
C LEU A 40 -7.94 18.13 7.82
N SER A 41 -8.92 17.71 7.02
CA SER A 41 -10.31 17.69 7.47
C SER A 41 -11.08 16.70 6.60
N TYR A 42 -12.16 16.18 7.15
CA TYR A 42 -13.02 15.31 6.37
C TYR A 42 -13.82 16.09 5.33
N ASP A 43 -14.16 17.34 5.62
CA ASP A 43 -15.03 18.14 4.77
C ASP A 43 -14.29 19.05 3.80
N PHE A 44 -13.01 18.74 3.52
CA PHE A 44 -12.13 19.68 2.84
C PHE A 44 -12.67 20.11 1.48
N TYR A 45 -13.32 19.19 0.75
CA TYR A 45 -13.82 19.50 -0.58
C TYR A 45 -15.32 19.76 -0.61
N LYS A 46 -15.95 19.99 0.55
CA LYS A 46 -17.41 20.10 0.58
C LYS A 46 -17.90 21.21 -0.34
N ARG A 47 -17.14 22.30 -0.42
CA ARG A 47 -17.52 23.45 -1.25
C ARG A 47 -16.88 23.39 -2.62
N SER A 48 -15.62 22.97 -2.71
CA SER A 48 -14.87 23.08 -3.95
C SER A 48 -15.10 21.93 -4.91
N CYS A 49 -15.38 20.74 -4.38
CA CYS A 49 -15.56 19.57 -5.23
C CYS A 49 -16.37 18.53 -4.46
N PRO A 50 -17.65 18.79 -4.19
CA PRO A 50 -18.40 17.89 -3.29
C PRO A 50 -18.57 16.49 -3.84
N ARG A 51 -18.49 16.29 -5.16
CA ARG A 51 -18.62 14.97 -5.76
C ARG A 51 -17.30 14.21 -5.80
N ALA A 52 -16.23 14.75 -5.21
CA ALA A 52 -14.90 14.19 -5.41
C ALA A 52 -14.85 12.72 -5.00
N GLU A 53 -15.38 12.38 -3.82
CA GLU A 53 -15.24 11.00 -3.35
C GLU A 53 -16.07 10.04 -4.18
N ALA A 54 -17.23 10.49 -4.65
CA ALA A 54 -18.03 9.64 -5.53
C ALA A 54 -17.35 9.43 -6.88
N ILE A 55 -16.67 10.46 -7.40
CA ILE A 55 -15.97 10.32 -8.68
C ILE A 55 -14.84 9.29 -8.54
N VAL A 56 -14.05 9.41 -7.48
CA VAL A 56 -12.96 8.45 -7.26
C VAL A 56 -13.52 7.04 -7.11
N ARG A 57 -14.55 6.89 -6.29
N ARG A 57 -14.56 6.89 -6.28
CA ARG A 57 -15.10 5.56 -6.00
CA ARG A 57 -15.08 5.54 -6.01
C ARG A 57 -15.68 4.92 -7.25
C ARG A 57 -15.66 4.92 -7.28
N SER A 58 -16.47 5.68 -8.02
CA SER A 58 -17.04 5.13 -9.25
C SER A 58 -15.96 4.66 -10.20
N PHE A 59 -14.88 5.43 -10.33
CA PHE A 59 -13.80 5.04 -11.23
C PHE A 59 -13.15 3.74 -10.77
N VAL A 60 -12.85 3.64 -9.48
CA VAL A 60 -12.17 2.44 -9.00
C VAL A 60 -13.06 1.23 -9.15
N GLN A 61 -14.34 1.38 -8.82
CA GLN A 61 -15.30 0.29 -9.00
C GLN A 61 -15.33 -0.20 -10.44
N ASP A 62 -15.36 0.73 -11.40
N ASP A 62 -15.40 0.73 -11.40
CA ASP A 62 -15.43 0.33 -12.80
CA ASP A 62 -15.41 0.35 -12.81
C ASP A 62 -14.11 -0.28 -13.27
C ASP A 62 -14.11 -0.32 -13.20
N ALA A 63 -12.98 0.28 -12.85
CA ALA A 63 -11.69 -0.16 -13.37
C ALA A 63 -11.30 -1.56 -12.87
N VAL A 64 -11.64 -1.90 -11.63
CA VAL A 64 -11.25 -3.22 -11.12
C VAL A 64 -12.06 -4.35 -11.75
N ARG A 65 -13.21 -4.04 -12.36
CA ARG A 65 -13.94 -5.05 -13.10
C ARG A 65 -13.06 -5.64 -14.20
N ARG A 66 -12.30 -4.80 -14.89
CA ARG A 66 -11.39 -5.19 -15.97
C ARG A 66 -10.04 -5.64 -15.45
N ASP A 67 -9.56 -4.99 -14.39
CA ASP A 67 -8.20 -5.10 -13.89
C ASP A 67 -8.27 -5.43 -12.39
N VAL A 68 -8.48 -6.70 -12.06
CA VAL A 68 -8.75 -7.05 -10.66
C VAL A 68 -7.58 -6.64 -9.76
N GLY A 69 -6.34 -6.75 -10.28
CA GLY A 69 -5.15 -6.39 -9.54
C GLY A 69 -4.95 -4.91 -9.33
N LEU A 70 -5.77 -4.06 -9.95
CA LEU A 70 -5.60 -2.62 -9.75
C LEU A 70 -5.83 -2.24 -8.30
N ALA A 71 -6.74 -2.94 -7.61
CA ALA A 71 -7.03 -2.60 -6.23
C ALA A 71 -5.79 -2.78 -5.37
N ALA A 72 -5.11 -3.92 -5.51
CA ALA A 72 -3.82 -4.09 -4.86
C ALA A 72 -2.83 -3.01 -5.30
N GLY A 73 -2.80 -2.69 -6.59
CA GLY A 73 -1.85 -1.69 -7.07
C GLY A 73 -2.06 -0.33 -6.43
N LEU A 74 -3.32 0.09 -6.31
CA LEU A 74 -3.61 1.40 -5.74
C LEU A 74 -3.35 1.43 -4.24
N LEU A 75 -3.71 0.38 -3.53
CA LEU A 75 -3.46 0.33 -2.10
C LEU A 75 -1.97 0.43 -1.81
N ARG A 76 -1.18 -0.37 -2.53
CA ARG A 76 0.27 -0.35 -2.33
C ARG A 76 0.87 0.98 -2.77
N LEU A 77 0.34 1.60 -3.83
CA LEU A 77 0.90 2.88 -4.27
C LEU A 77 0.74 3.96 -3.21
N HIS A 78 -0.38 3.93 -2.48
CA HIS A 78 -0.58 4.89 -1.38
C HIS A 78 0.40 4.63 -0.25
N PHE A 79 0.56 3.37 0.14
CA PHE A 79 1.54 3.04 1.18
C PHE A 79 2.95 3.42 0.72
N HIS A 80 3.29 3.05 -0.51
CA HIS A 80 4.63 3.29 -1.04
C HIS A 80 4.95 4.77 -1.05
N ASP A 81 4.03 5.55 -1.52
CA ASP A 81 4.22 7.00 -1.52
C ASP A 81 4.44 7.57 -0.13
N CYS A 82 3.63 7.13 0.82
CA CYS A 82 3.70 7.60 2.13
C CYS A 82 5.08 7.36 2.77
N PHE A 83 5.64 6.22 2.46
CA PHE A 83 6.92 5.85 3.02
C PHE A 83 8.12 6.44 2.30
N VAL A 84 7.90 6.99 1.13
CA VAL A 84 8.93 7.61 0.41
C VAL A 84 8.68 9.13 0.55
N GLN A 85 9.33 9.70 1.55
CA GLN A 85 9.21 11.11 1.90
C GLN A 85 7.93 11.65 2.60
N GLY A 86 6.81 10.97 2.53
CA GLY A 86 5.57 11.45 3.18
C GLY A 86 4.39 11.28 2.23
N CYS A 87 3.18 11.39 2.60
CA CYS A 87 2.05 11.23 1.79
C CYS A 87 1.84 12.51 1.01
N ASP A 88 2.65 12.64 -0.02
CA ASP A 88 2.70 13.78 -0.85
C ASP A 88 2.74 13.61 -2.38
N ALA A 89 2.43 12.42 -2.84
CA ALA A 89 2.41 12.08 -4.27
C ALA A 89 3.77 12.26 -4.95
N SER A 90 4.87 12.30 -4.18
CA SER A 90 6.18 12.46 -4.81
C SER A 90 6.50 11.31 -5.76
N VAL A 91 6.07 10.08 -5.45
CA VAL A 91 6.43 8.96 -6.30
C VAL A 91 5.62 8.89 -7.59
N LEU A 92 4.62 9.77 -7.77
CA LEU A 92 3.90 9.82 -9.03
C LEU A 92 4.66 10.60 -10.10
N LEU A 93 5.64 11.40 -9.70
CA LEU A 93 6.34 12.26 -10.64
C LEU A 93 7.23 11.46 -11.57
N ASP A 94 7.23 11.87 -12.86
CA ASP A 94 8.05 11.21 -13.86
C ASP A 94 9.54 11.23 -13.48
N GLY A 95 9.98 12.26 -12.78
CA GLY A 95 11.39 12.28 -12.41
C GLY A 95 11.76 11.49 -11.17
N SER A 96 10.79 10.87 -10.49
CA SER A 96 11.02 10.22 -9.21
C SER A 96 11.51 8.79 -9.37
N ALA A 97 12.45 8.39 -8.51
CA ALA A 97 12.82 6.98 -8.39
C ALA A 97 11.59 6.16 -7.96
N THR A 98 11.39 5.03 -8.63
CA THR A 98 10.23 4.14 -8.50
C THR A 98 8.94 4.77 -9.03
N GLY A 99 9.02 5.94 -9.66
CA GLY A 99 7.89 6.53 -10.34
C GLY A 99 7.51 5.81 -11.61
N PRO A 100 6.56 6.39 -12.37
CA PRO A 100 6.03 5.66 -13.54
C PRO A 100 7.04 5.43 -14.64
N ALA A 101 8.14 6.19 -14.67
CA ALA A 101 9.17 6.03 -15.69
C ALA A 101 10.35 5.21 -15.20
N GLU A 102 10.22 4.54 -14.05
CA GLU A 102 11.34 3.84 -13.46
C GLU A 102 11.73 2.63 -14.31
N LYS A 103 13.01 2.57 -14.68
CA LYS A 103 13.57 1.45 -15.43
C LYS A 103 14.75 0.78 -14.77
N GLN A 104 15.31 1.37 -13.71
CA GLN A 104 16.54 0.88 -13.08
C GLN A 104 16.27 -0.03 -11.88
N ALA A 105 15.12 0.14 -11.24
CA ALA A 105 14.89 -0.47 -9.95
C ALA A 105 14.74 -1.98 -10.08
N PRO A 106 14.99 -2.72 -9.01
CA PRO A 106 14.75 -4.16 -9.03
C PRO A 106 13.26 -4.44 -9.16
N PRO A 107 12.88 -5.66 -9.52
CA PRO A 107 11.46 -5.96 -9.75
C PRO A 107 10.54 -5.60 -8.59
N ASN A 108 10.97 -5.79 -7.34
CA ASN A 108 10.06 -5.49 -6.24
C ASN A 108 9.99 -4.01 -5.91
N LEU A 109 10.72 -3.18 -6.64
CA LEU A 109 10.55 -1.73 -6.60
C LEU A 109 10.05 -1.18 -7.93
N THR A 110 9.56 -2.05 -8.80
CA THR A 110 8.97 -1.67 -10.07
C THR A 110 7.46 -1.91 -9.95
N LEU A 111 6.70 -0.84 -9.74
CA LEU A 111 5.33 -0.97 -9.28
C LEU A 111 4.37 -1.19 -10.46
N ARG A 112 3.19 -1.71 -10.13
CA ARG A 112 2.18 -2.09 -11.13
C ARG A 112 1.82 -0.90 -12.02
N PRO A 113 2.05 -0.97 -13.34
CA PRO A 113 1.82 0.22 -14.18
C PRO A 113 0.41 0.76 -14.11
N SER A 114 -0.61 -0.10 -14.02
CA SER A 114 -1.98 0.40 -14.14
C SER A 114 -2.38 1.31 -12.98
N ALA A 115 -1.72 1.21 -11.83
CA ALA A 115 -2.09 2.06 -10.70
C ALA A 115 -1.69 3.50 -10.95
N PHE A 116 -0.49 3.73 -11.50
CA PHE A 116 -0.10 5.10 -11.87
C PHE A 116 -1.13 5.71 -12.81
N LYS A 117 -1.53 4.97 -13.83
CA LYS A 117 -2.45 5.51 -14.83
C LYS A 117 -3.83 5.75 -14.24
N ALA A 118 -4.27 4.90 -13.32
CA ALA A 118 -5.59 5.09 -12.73
C ALA A 118 -5.66 6.37 -11.94
N ILE A 119 -4.61 6.68 -11.17
CA ILE A 119 -4.57 7.95 -10.46
C ILE A 119 -4.69 9.11 -11.43
N ASN A 120 -3.97 9.04 -12.55
CA ASN A 120 -4.04 10.13 -13.53
C ASN A 120 -5.43 10.26 -14.10
N ASP A 121 -6.04 9.13 -14.50
CA ASP A 121 -7.38 9.18 -15.09
C ASP A 121 -8.39 9.73 -14.09
N ILE A 122 -8.31 9.29 -12.83
CA ILE A 122 -9.19 9.84 -11.80
C ILE A 122 -9.00 11.35 -11.70
N HIS A 123 -7.74 11.77 -11.62
CA HIS A 123 -7.46 13.20 -11.50
C HIS A 123 -8.05 13.98 -12.68
N ASP A 124 -7.99 13.41 -13.88
CA ASP A 124 -8.57 14.06 -15.06
C ASP A 124 -10.07 14.26 -14.90
N ARG A 125 -10.77 13.24 -14.38
CA ARG A 125 -12.22 13.36 -14.24
C ARG A 125 -12.58 14.39 -13.17
N LEU A 126 -11.83 14.41 -12.06
CA LEU A 126 -12.01 15.47 -11.07
C LEU A 126 -11.74 16.84 -11.68
N THR A 127 -10.76 16.93 -12.58
CA THR A 127 -10.46 18.20 -13.22
C THR A 127 -11.65 18.67 -14.05
N ARG A 128 -12.25 17.76 -14.81
CA ARG A 128 -13.38 18.15 -15.64
C ARG A 128 -14.56 18.59 -14.79
N GLU A 129 -14.82 17.88 -13.70
CA GLU A 129 -16.02 18.17 -12.92
C GLU A 129 -15.82 19.40 -12.02
N CYS A 130 -14.68 19.55 -11.39
CA CYS A 130 -14.46 20.59 -10.43
C CYS A 130 -13.47 21.69 -10.75
N GLY A 131 -12.90 21.61 -11.93
CA GLY A 131 -11.84 22.51 -12.36
C GLY A 131 -10.49 21.91 -12.01
N GLY A 132 -9.50 22.18 -12.81
CA GLY A 132 -8.18 21.69 -12.56
C GLY A 132 -7.50 22.17 -11.32
N SER A 133 -6.57 21.42 -10.84
CA SER A 133 -5.82 21.77 -9.73
C SER A 133 -6.67 22.20 -8.58
N VAL A 134 -7.73 21.45 -8.28
CA VAL A 134 -8.54 21.65 -7.07
C VAL A 134 -8.25 20.51 -6.01
N VAL A 135 -8.39 19.28 -6.45
CA VAL A 135 -8.12 18.08 -5.70
C VAL A 135 -6.66 17.68 -5.89
N SER A 136 -5.95 17.48 -4.80
CA SER A 136 -4.53 17.12 -4.89
C SER A 136 -4.36 15.66 -5.27
N CYS A 137 -3.23 15.36 -5.93
CA CYS A 137 -2.94 13.97 -6.25
C CYS A 137 -2.76 13.13 -4.97
N SER A 138 -2.18 13.74 -3.92
CA SER A 138 -2.03 13.02 -2.66
C SER A 138 -3.38 12.61 -2.10
N ASP A 139 -4.38 13.51 -2.17
CA ASP A 139 -5.72 13.14 -1.71
C ASP A 139 -6.31 12.03 -2.58
N VAL A 140 -6.06 12.06 -3.88
CA VAL A 140 -6.59 10.99 -4.72
C VAL A 140 -5.97 9.66 -4.31
N LEU A 141 -4.68 9.65 -4.01
CA LEU A 141 -4.02 8.42 -3.58
C LEU A 141 -4.68 7.84 -2.34
N ALA A 142 -4.94 8.68 -1.33
CA ALA A 142 -5.58 8.20 -0.11
C ALA A 142 -7.00 7.72 -0.38
N LEU A 143 -7.77 8.47 -1.16
CA LEU A 143 -9.14 8.05 -1.48
C LEU A 143 -9.16 6.76 -2.28
N ALA A 144 -8.31 6.67 -3.31
CA ALA A 144 -8.31 5.47 -4.15
C ALA A 144 -7.89 4.22 -3.37
N ALA A 145 -7.00 4.37 -2.38
CA ALA A 145 -6.64 3.22 -1.55
C ALA A 145 -7.84 2.74 -0.76
N ARG A 146 -8.55 3.67 -0.13
CA ARG A 146 -9.77 3.32 0.61
C ARG A 146 -10.76 2.60 -0.29
N ASP A 147 -11.01 3.15 -1.48
CA ASP A 147 -11.98 2.53 -2.39
C ASP A 147 -11.52 1.15 -2.82
N SER A 148 -10.20 0.98 -3.00
CA SER A 148 -9.64 -0.32 -3.37
C SER A 148 -9.84 -1.34 -2.27
N VAL A 149 -9.71 -0.91 -1.01
CA VAL A 149 -10.00 -1.80 0.10
C VAL A 149 -11.47 -2.23 0.07
N VAL A 150 -12.37 -1.27 -0.17
CA VAL A 150 -13.81 -1.56 -0.13
C VAL A 150 -14.22 -2.46 -1.28
N VAL A 151 -13.80 -2.15 -2.51
N VAL A 151 -13.78 -2.15 -2.50
CA VAL A 151 -14.23 -2.97 -3.65
CA VAL A 151 -14.21 -2.95 -3.66
C VAL A 151 -13.68 -4.38 -3.55
C VAL A 151 -13.64 -4.35 -3.60
N SER A 152 -12.58 -4.57 -2.82
CA SER A 152 -12.02 -5.90 -2.62
C SER A 152 -12.70 -6.67 -1.51
N GLY A 153 -13.68 -6.08 -0.83
CA GLY A 153 -14.40 -6.73 0.24
C GLY A 153 -14.07 -6.22 1.63
N GLY A 154 -13.23 -5.19 1.73
CA GLY A 154 -12.76 -4.72 3.01
C GLY A 154 -13.64 -3.63 3.62
N PRO A 155 -13.23 -3.13 4.78
CA PRO A 155 -14.04 -2.14 5.50
C PRO A 155 -13.85 -0.74 4.96
N SER A 156 -14.97 -0.03 4.82
CA SER A 156 -14.90 1.40 4.53
C SER A 156 -14.48 2.19 5.75
N TYR A 157 -13.96 3.39 5.51
CA TYR A 157 -13.56 4.32 6.55
C TYR A 157 -13.50 5.71 5.95
N ARG A 158 -13.65 6.72 6.80
CA ARG A 158 -13.57 8.10 6.37
C ARG A 158 -12.11 8.52 6.22
N VAL A 159 -11.82 9.27 5.17
CA VAL A 159 -10.46 9.63 4.81
C VAL A 159 -10.30 11.14 5.06
N PRO A 160 -9.37 11.55 5.92
CA PRO A 160 -9.09 12.98 6.03
C PRO A 160 -8.42 13.49 4.76
N LEU A 161 -8.72 14.74 4.41
CA LEU A 161 -8.34 15.30 3.12
C LEU A 161 -7.71 16.67 3.32
N GLY A 162 -7.11 17.20 2.27
CA GLY A 162 -6.38 18.45 2.34
C GLY A 162 -4.89 18.33 2.16
N ARG A 163 -4.38 17.15 1.80
CA ARG A 163 -2.95 17.02 1.53
C ARG A 163 -2.56 17.88 0.35
N ARG A 164 -1.33 18.41 0.40
CA ARG A 164 -0.73 19.11 -0.73
C ARG A 164 0.35 18.22 -1.34
N ASP A 165 0.62 18.47 -2.61
CA ASP A 165 1.55 17.65 -3.38
C ASP A 165 2.95 18.25 -3.36
N SER A 166 3.95 17.37 -3.39
CA SER A 166 5.32 17.84 -3.30
C SER A 166 5.95 17.87 -4.68
N PRO A 167 6.69 18.94 -5.02
CA PRO A 167 7.41 18.97 -6.30
C PRO A 167 8.73 18.22 -6.28
N SER A 168 9.15 17.70 -5.13
CA SER A 168 10.47 17.06 -5.03
C SER A 168 10.45 15.66 -5.65
N PHE A 169 11.37 15.41 -6.57
CA PHE A 169 11.59 14.07 -7.09
C PHE A 169 12.14 13.16 -6.01
N ALA A 170 11.60 11.96 -5.88
CA ALA A 170 12.21 10.99 -4.99
C ALA A 170 13.49 10.44 -5.62
N THR A 171 14.54 10.31 -4.80
CA THR A 171 15.78 9.69 -5.22
C THR A 171 15.84 8.24 -4.73
N GLN A 172 16.84 7.52 -5.24
CA GLN A 172 17.06 6.15 -4.76
C GLN A 172 17.32 6.14 -3.26
N GLN A 173 18.03 7.15 -2.76
CA GLN A 173 18.32 7.19 -1.32
C GLN A 173 17.06 7.45 -0.51
N ASP A 174 16.10 8.21 -1.06
CA ASP A 174 14.83 8.39 -0.38
C ASP A 174 14.10 7.07 -0.25
N VAL A 175 14.14 6.26 -1.30
CA VAL A 175 13.44 4.98 -1.31
C VAL A 175 14.11 4.01 -0.35
N LEU A 176 15.42 3.83 -0.50
CA LEU A 176 16.15 2.96 0.41
C LEU A 176 16.04 3.42 1.86
N ALA A 177 15.99 4.74 2.09
CA ALA A 177 15.89 5.22 3.46
C ALA A 177 14.50 5.07 4.04
N GLY A 178 13.46 4.98 3.21
CA GLY A 178 12.12 5.00 3.75
C GLY A 178 11.43 3.64 3.78
N LEU A 179 11.82 2.74 2.88
CA LEU A 179 11.07 1.53 2.60
C LEU A 179 11.81 0.28 3.05
N PRO A 180 11.34 -0.41 4.10
CA PRO A 180 12.01 -1.64 4.51
C PRO A 180 11.89 -2.71 3.43
N PRO A 181 12.88 -3.57 3.29
CA PRO A 181 12.80 -4.66 2.32
C PRO A 181 11.99 -5.81 2.89
N PRO A 182 11.53 -6.73 2.05
CA PRO A 182 10.80 -7.90 2.56
C PRO A 182 11.68 -8.84 3.38
N THR A 183 13.00 -8.65 3.36
CA THR A 183 13.88 -9.47 4.19
C THR A 183 13.99 -8.93 5.60
N ALA A 184 13.33 -7.81 5.92
CA ALA A 184 13.42 -7.19 7.23
C ALA A 184 12.68 -8.03 8.27
N THR A 185 13.19 -8.02 9.50
CA THR A 185 12.50 -8.70 10.59
C THR A 185 11.87 -7.67 11.52
N VAL A 186 11.11 -8.18 12.50
CA VAL A 186 10.23 -7.31 13.29
C VAL A 186 10.96 -6.16 13.99
N PRO A 187 12.07 -6.39 14.70
CA PRO A 187 12.71 -5.23 15.38
C PRO A 187 13.05 -4.12 14.43
N ALA A 188 13.55 -4.44 13.24
CA ALA A 188 13.89 -3.39 12.29
C ALA A 188 12.64 -2.69 11.78
N LEU A 189 11.56 -3.46 11.55
CA LEU A 189 10.30 -2.89 11.10
C LEU A 189 9.71 -1.95 12.13
N LEU A 190 9.75 -2.34 13.41
CA LEU A 190 9.22 -1.47 14.46
C LEU A 190 10.04 -0.19 14.57
N ALA A 191 11.35 -0.30 14.39
CA ALA A 191 12.20 0.90 14.47
C ALA A 191 11.84 1.91 13.39
N VAL A 192 11.54 1.42 12.18
CA VAL A 192 11.13 2.33 11.10
C VAL A 192 9.79 2.96 11.42
N LEU A 193 8.84 2.15 11.88
CA LEU A 193 7.51 2.67 12.20
C LEU A 193 7.54 3.62 13.40
N SER A 194 8.39 3.38 14.40
CA SER A 194 8.37 4.24 15.57
C SER A 194 8.78 5.67 15.22
N LYS A 195 9.62 5.85 14.21
CA LYS A 195 10.01 7.19 13.78
C LYS A 195 8.79 8.05 13.48
N ILE A 196 7.80 7.46 12.81
CA ILE A 196 6.62 8.18 12.39
C ILE A 196 5.41 7.82 13.27
N ASN A 197 5.66 7.39 14.51
CA ASN A 197 4.64 7.18 15.53
C ASN A 197 3.60 6.13 15.14
N LEU A 198 4.04 5.06 14.49
CA LEU A 198 3.24 3.85 14.36
C LEU A 198 3.83 2.78 15.28
N ASP A 199 2.96 1.94 15.84
CA ASP A 199 3.41 0.95 16.81
C ASP A 199 3.07 -0.47 16.36
N ALA A 200 3.54 -1.45 17.14
CA ALA A 200 3.37 -2.86 16.76
C ALA A 200 2.00 -3.25 16.23
N THR A 201 0.95 -2.73 16.84
CA THR A 201 -0.40 -3.01 16.34
C THR A 201 -0.59 -2.46 14.94
N ASP A 202 -0.13 -1.24 14.69
CA ASP A 202 -0.15 -0.67 13.35
C ASP A 202 0.64 -1.54 12.38
N LEU A 203 1.83 -1.99 12.81
CA LEU A 203 2.65 -2.84 11.97
C LEU A 203 1.87 -4.08 11.54
N VAL A 204 1.25 -4.78 12.49
CA VAL A 204 0.58 -6.02 12.15
C VAL A 204 -0.66 -5.76 11.30
N ALA A 205 -1.44 -4.71 11.65
CA ALA A 205 -2.64 -4.41 10.89
C ALA A 205 -2.31 -3.97 9.47
N LEU A 206 -1.30 -3.11 9.32
CA LEU A 206 -1.01 -2.55 8.00
C LEU A 206 -0.40 -3.60 7.08
N SER A 207 0.38 -4.53 7.63
CA SER A 207 0.89 -5.66 6.85
C SER A 207 -0.24 -6.48 6.25
N GLY A 208 -1.43 -6.44 6.86
CA GLY A 208 -2.59 -7.09 6.28
C GLY A 208 -3.00 -6.56 4.92
N GLY A 209 -2.39 -5.47 4.45
CA GLY A 209 -2.52 -5.08 3.06
C GLY A 209 -2.11 -6.19 2.11
N HIS A 210 -1.26 -7.09 2.59
CA HIS A 210 -0.82 -8.23 1.77
C HIS A 210 -1.88 -9.32 1.68
N THR A 211 -3.11 -9.03 2.13
CA THR A 211 -4.22 -9.92 1.86
C THR A 211 -4.66 -9.89 0.40
N ILE A 212 -4.14 -8.94 -0.40
CA ILE A 212 -4.35 -8.90 -1.84
C ILE A 212 -3.00 -8.64 -2.53
N GLY A 213 -2.95 -8.95 -3.83
CA GLY A 213 -1.82 -8.55 -4.65
C GLY A 213 -0.82 -9.66 -4.94
N LEU A 214 0.31 -9.23 -5.52
CA LEU A 214 1.34 -10.12 -6.06
C LEU A 214 2.70 -9.78 -5.47
N GLY A 215 3.58 -10.79 -5.51
CA GLY A 215 4.97 -10.62 -5.11
C GLY A 215 5.92 -11.37 -6.03
N HIS A 216 7.05 -10.75 -6.38
CA HIS A 216 8.06 -11.33 -7.26
C HIS A 216 8.89 -12.38 -6.54
N CYS A 217 9.34 -13.39 -7.31
CA CYS A 217 10.25 -14.39 -6.75
C CYS A 217 11.40 -13.75 -5.99
N THR A 218 11.97 -12.66 -6.52
CA THR A 218 13.14 -12.06 -5.90
C THR A 218 12.88 -11.57 -4.47
N SER A 219 11.62 -11.33 -4.13
CA SER A 219 11.27 -10.83 -2.80
C SER A 219 11.24 -11.90 -1.73
N PHE A 220 11.26 -13.19 -2.12
CA PHE A 220 11.28 -14.25 -1.12
C PHE A 220 12.25 -15.36 -1.49
N GLU A 221 13.01 -15.21 -2.57
CA GLU A 221 13.86 -16.31 -3.01
C GLU A 221 14.99 -16.60 -2.03
N GLY A 222 15.38 -15.62 -1.20
CA GLY A 222 16.34 -15.89 -0.14
C GLY A 222 15.86 -16.93 0.86
N ARG A 223 14.55 -17.15 0.95
CA ARG A 223 13.97 -18.17 1.83
C ARG A 223 13.97 -19.55 1.19
N LEU A 224 14.37 -19.64 -0.08
CA LEU A 224 14.38 -20.88 -0.82
C LEU A 224 15.75 -21.32 -1.27
N PHE A 225 16.70 -20.40 -1.40
CA PHE A 225 18.02 -20.70 -1.94
C PHE A 225 19.07 -20.07 -1.04
N PRO A 226 20.13 -20.80 -0.67
CA PRO A 226 20.44 -22.17 -1.10
C PRO A 226 19.74 -23.26 -0.27
N ARG A 227 19.12 -22.88 0.85
CA ARG A 227 18.43 -23.80 1.73
C ARG A 227 17.05 -23.24 2.07
N PRO A 228 16.08 -24.09 2.42
CA PRO A 228 14.76 -23.57 2.81
C PRO A 228 14.80 -22.94 4.20
N ASP A 229 14.19 -21.76 4.30
CA ASP A 229 13.92 -21.13 5.59
C ASP A 229 13.15 -22.08 6.48
N PRO A 230 13.62 -22.37 7.71
CA PRO A 230 12.89 -23.29 8.59
C PRO A 230 11.49 -22.82 8.97
N THR A 231 11.19 -21.52 8.86
CA THR A 231 9.86 -21.04 9.20
C THR A 231 8.87 -21.16 8.05
N LEU A 232 9.33 -21.55 6.86
CA LEU A 232 8.42 -21.83 5.76
C LEU A 232 7.72 -23.15 6.00
N ASN A 233 6.39 -23.13 6.00
CA ASN A 233 5.64 -24.37 5.86
C ASN A 233 6.18 -25.20 4.71
N ALA A 234 6.57 -26.45 4.99
CA ALA A 234 7.29 -27.23 3.98
C ALA A 234 6.44 -27.47 2.74
N THR A 235 5.13 -27.70 2.91
CA THR A 235 4.27 -27.86 1.75
C THR A 235 4.23 -26.59 0.93
N PHE A 236 4.08 -25.45 1.63
CA PHE A 236 4.08 -24.14 0.98
C PHE A 236 5.40 -23.88 0.25
N ALA A 237 6.53 -24.22 0.89
CA ALA A 237 7.82 -24.05 0.25
C ALA A 237 7.89 -24.83 -1.06
N GLY A 238 7.39 -26.07 -1.05
CA GLY A 238 7.36 -26.85 -2.28
C GLY A 238 6.57 -26.14 -3.37
N ARG A 239 5.42 -25.59 -3.02
CA ARG A 239 4.60 -24.89 -4.00
C ARG A 239 5.31 -23.65 -4.53
N LEU A 240 5.99 -22.90 -3.65
CA LEU A 240 6.73 -21.72 -4.11
C LEU A 240 7.80 -22.12 -5.11
N ARG A 241 8.53 -23.20 -4.81
CA ARG A 241 9.58 -23.68 -5.71
C ARG A 241 9.05 -24.10 -7.07
N GLN A 242 7.76 -24.45 -7.18
CA GLN A 242 7.15 -24.65 -8.48
C GLN A 242 7.16 -23.36 -9.30
N THR A 243 6.90 -22.22 -8.66
CA THR A 243 6.86 -20.95 -9.36
C THR A 243 8.25 -20.37 -9.55
N CYS A 244 9.13 -20.53 -8.56
CA CYS A 244 10.50 -20.03 -8.57
C CYS A 244 11.44 -21.22 -8.45
N PRO A 245 11.71 -21.91 -9.56
CA PRO A 245 12.51 -23.15 -9.47
C PRO A 245 13.99 -22.91 -9.30
N ALA A 246 14.44 -21.67 -9.47
CA ALA A 246 15.84 -21.31 -9.33
C ALA A 246 15.91 -19.85 -8.89
N LYS A 247 17.07 -19.47 -8.35
CA LYS A 247 17.30 -18.07 -8.06
C LYS A 247 17.15 -17.23 -9.32
N GLY A 248 16.61 -16.02 -9.16
CA GLY A 248 16.48 -15.11 -10.27
C GLY A 248 15.36 -15.41 -11.24
N THR A 249 14.33 -16.12 -10.81
CA THR A 249 13.19 -16.39 -11.67
C THR A 249 12.34 -15.13 -11.81
N ASP A 250 12.05 -14.72 -13.05
CA ASP A 250 11.27 -13.51 -13.28
C ASP A 250 9.78 -13.84 -13.34
N ARG A 251 9.23 -14.17 -12.18
CA ARG A 251 7.82 -14.50 -12.05
C ARG A 251 7.28 -13.90 -10.76
N ARG A 252 5.96 -13.72 -10.70
CA ARG A 252 5.27 -13.34 -9.48
C ARG A 252 4.25 -14.39 -9.06
N THR A 253 4.00 -14.46 -7.75
CA THR A 253 2.95 -15.30 -7.19
C THR A 253 2.08 -14.41 -6.30
N VAL A 254 1.03 -14.99 -5.72
CA VAL A 254 0.10 -14.24 -4.87
C VAL A 254 0.70 -14.01 -3.49
N LEU A 255 0.41 -12.85 -2.90
CA LEU A 255 0.84 -12.61 -1.52
C LEU A 255 0.06 -13.47 -0.53
N ASP A 256 -1.23 -13.69 -0.81
CA ASP A 256 -2.15 -14.41 0.07
C ASP A 256 -2.57 -15.70 -0.62
N VAL A 257 -1.95 -16.82 -0.22
CA VAL A 257 -2.21 -18.10 -0.88
C VAL A 257 -3.65 -18.54 -0.71
N ARG A 258 -4.35 -18.03 0.31
CA ARG A 258 -5.73 -18.47 0.53
C ARG A 258 -6.73 -17.71 -0.34
N THR A 259 -6.78 -16.37 -0.22
CA THR A 259 -7.68 -15.56 -1.04
C THR A 259 -6.87 -14.44 -1.70
N PRO A 260 -6.29 -14.70 -2.86
CA PRO A 260 -5.37 -13.72 -3.48
C PRO A 260 -5.98 -12.35 -3.76
N ASN A 261 -7.27 -12.26 -4.07
CA ASN A 261 -7.86 -10.99 -4.49
C ASN A 261 -8.94 -10.48 -3.56
N ILE A 262 -9.20 -11.15 -2.44
CA ILE A 262 -10.23 -10.72 -1.50
C ILE A 262 -9.56 -10.08 -0.31
N PHE A 263 -10.02 -8.88 0.05
CA PHE A 263 -9.53 -8.23 1.26
C PHE A 263 -10.23 -8.87 2.47
N ASP A 264 -9.48 -9.60 3.26
CA ASP A 264 -10.02 -10.34 4.39
C ASP A 264 -8.86 -10.64 5.35
N ASN A 265 -9.13 -11.43 6.39
CA ASN A 265 -8.10 -11.76 7.36
C ASN A 265 -7.29 -13.02 7.00
N LYS A 266 -7.46 -13.57 5.78
CA LYS A 266 -6.76 -14.83 5.47
C LYS A 266 -5.26 -14.65 5.50
N TYR A 267 -4.76 -13.42 5.27
CA TYR A 267 -3.34 -13.15 5.41
C TYR A 267 -2.81 -13.65 6.75
N TYR A 268 -3.55 -13.43 7.82
CA TYR A 268 -3.09 -13.82 9.15
C TYR A 268 -3.26 -15.31 9.38
N VAL A 269 -4.30 -15.90 8.82
CA VAL A 269 -4.44 -17.35 8.83
C VAL A 269 -3.22 -18.00 8.18
N ASN A 270 -2.75 -17.43 7.07
CA ASN A 270 -1.50 -17.91 6.47
C ASN A 270 -0.36 -17.86 7.48
N LEU A 271 -0.18 -16.72 8.15
CA LEU A 271 0.94 -16.58 9.08
C LEU A 271 0.91 -17.65 10.17
N VAL A 272 -0.26 -17.90 10.75
CA VAL A 272 -0.36 -18.90 11.81
C VAL A 272 0.01 -20.29 11.30
N ASN A 273 -0.11 -20.53 10.00
CA ASN A 273 0.27 -21.80 9.40
C ASN A 273 1.62 -21.73 8.69
N ARG A 274 2.42 -20.71 8.99
CA ARG A 274 3.75 -20.55 8.41
C ARG A 274 3.70 -20.40 6.88
N GLU A 275 2.68 -19.68 6.39
CA GLU A 275 2.49 -19.49 4.96
C GLU A 275 2.56 -18.02 4.55
N GLY A 276 3.13 -17.16 5.40
CA GLY A 276 3.48 -15.83 4.95
C GLY A 276 4.52 -15.89 3.85
N LEU A 277 4.36 -15.04 2.83
CA LEU A 277 5.27 -15.08 1.69
C LEU A 277 6.63 -14.48 2.01
N PHE A 278 6.65 -13.28 2.61
CA PHE A 278 7.92 -12.60 2.90
C PHE A 278 8.39 -12.89 4.32
N THR A 279 9.71 -12.75 4.52
CA THR A 279 10.23 -12.78 5.88
C THR A 279 9.55 -11.72 6.74
N SER A 280 9.33 -10.54 6.18
CA SER A 280 8.65 -9.47 6.91
C SER A 280 7.19 -9.79 7.20
N ASP A 281 6.57 -10.72 6.46
CA ASP A 281 5.28 -11.29 6.85
C ASP A 281 5.41 -12.31 7.98
N GLN A 282 6.14 -13.40 7.72
CA GLN A 282 6.14 -14.53 8.66
C GLN A 282 6.76 -14.14 10.01
N ASP A 283 7.72 -13.22 10.04
CA ASP A 283 8.34 -12.88 11.32
C ASP A 283 7.37 -12.16 12.26
N LEU A 284 6.26 -11.62 11.74
CA LEU A 284 5.21 -11.13 12.63
C LEU A 284 4.68 -12.23 13.54
N PHE A 285 4.59 -13.46 13.04
CA PHE A 285 4.13 -14.55 13.87
C PHE A 285 5.25 -15.10 14.76
N THR A 286 6.49 -14.94 14.33
CA THR A 286 7.62 -15.44 15.11
C THR A 286 7.85 -14.57 16.34
N ASN A 287 7.87 -13.25 16.15
CA ASN A 287 8.33 -12.34 17.17
C ASN A 287 7.26 -12.12 18.24
N ALA A 288 7.67 -12.17 19.51
CA ALA A 288 6.72 -12.02 20.62
C ALA A 288 6.07 -10.63 20.62
N SER A 289 6.73 -9.63 20.06
CA SER A 289 6.17 -8.29 20.01
C SER A 289 4.89 -8.23 19.19
N THR A 290 4.75 -9.13 18.22
CA THR A 290 3.67 -9.06 17.26
C THR A 290 2.79 -10.31 17.22
N ARG A 291 3.26 -11.45 17.74
CA ARG A 291 2.61 -12.72 17.47
C ARG A 291 1.17 -12.76 17.99
N VAL A 292 0.93 -12.21 19.18
CA VAL A 292 -0.43 -12.31 19.72
C VAL A 292 -1.40 -11.43 18.93
N ILE A 293 -0.91 -10.35 18.31
CA ILE A 293 -1.78 -9.55 17.46
C ILE A 293 -2.14 -10.32 16.19
N VAL A 294 -1.15 -10.98 15.59
CA VAL A 294 -1.42 -11.85 14.45
C VAL A 294 -2.48 -12.89 14.81
N SER A 295 -2.31 -13.54 15.96
CA SER A 295 -3.26 -14.56 16.37
C SER A 295 -4.65 -13.97 16.53
N LYS A 296 -4.74 -12.76 17.10
N LYS A 296 -4.72 -12.77 17.11
CA LYS A 296 -6.03 -12.12 17.28
CA LYS A 296 -5.99 -12.06 17.29
C LYS A 296 -6.71 -11.85 15.94
C LYS A 296 -6.69 -11.84 15.96
N PHE A 297 -5.95 -11.37 14.96
CA PHE A 297 -6.52 -11.07 13.64
C PHE A 297 -6.79 -12.33 12.83
N ALA A 298 -6.02 -13.40 13.07
CA ALA A 298 -6.35 -14.69 12.47
C ALA A 298 -7.68 -15.22 13.01
N ARG A 299 -7.94 -15.02 14.30
CA ARG A 299 -9.17 -15.54 14.89
C ARG A 299 -10.38 -14.66 14.59
N SER A 300 -10.19 -13.36 14.40
CA SER A 300 -11.31 -12.43 14.24
C SER A 300 -11.03 -11.48 13.08
N GLN A 301 -11.70 -11.69 11.94
CA GLN A 301 -11.60 -10.70 10.87
C GLN A 301 -12.18 -9.36 11.29
N LYS A 302 -13.24 -9.37 12.10
CA LYS A 302 -13.83 -8.12 12.59
C LYS A 302 -12.80 -7.29 13.34
N SER A 303 -12.00 -7.92 14.20
CA SER A 303 -10.98 -7.16 14.93
C SER A 303 -9.91 -6.64 13.99
N PHE A 304 -9.55 -7.43 12.98
CA PHE A 304 -8.60 -6.95 11.98
C PHE A 304 -9.14 -5.72 11.27
N PHE A 305 -10.37 -5.84 10.74
CA PHE A 305 -10.98 -4.73 10.00
C PHE A 305 -11.06 -3.47 10.85
N ASP A 306 -11.50 -3.61 12.11
CA ASP A 306 -11.63 -2.46 13.00
C ASP A 306 -10.29 -1.76 13.21
N GLN A 307 -9.21 -2.53 13.31
CA GLN A 307 -7.88 -1.91 13.48
C GLN A 307 -7.33 -1.39 12.16
N PHE A 308 -7.55 -2.13 11.07
CA PHE A 308 -6.98 -1.71 9.78
C PHE A 308 -7.44 -0.31 9.39
N THR A 309 -8.73 -0.01 9.57
CA THR A 309 -9.20 1.31 9.20
C THR A 309 -8.50 2.38 10.02
N SER A 310 -8.35 2.16 11.33
CA SER A 310 -7.67 3.13 12.16
C SER A 310 -6.22 3.32 11.71
N SER A 311 -5.52 2.21 11.44
CA SER A 311 -4.12 2.30 11.05
C SER A 311 -3.95 2.92 9.66
N MET A 312 -4.85 2.62 8.72
CA MET A 312 -4.79 3.27 7.41
C MET A 312 -4.91 4.78 7.54
N VAL A 313 -5.81 5.26 8.39
CA VAL A 313 -5.95 6.71 8.55
C VAL A 313 -4.67 7.31 9.10
N GLN A 314 -4.03 6.61 10.04
CA GLN A 314 -2.75 7.09 10.55
C GLN A 314 -1.69 7.11 9.46
N MET A 315 -1.61 6.04 8.67
CA MET A 315 -0.58 5.92 7.64
C MET A 315 -0.71 7.02 6.60
N GLY A 316 -1.94 7.36 6.23
CA GLY A 316 -2.16 8.36 5.19
C GLY A 316 -1.92 9.80 5.65
N GLN A 317 -1.45 9.97 6.88
CA GLN A 317 -1.10 11.29 7.41
C GLN A 317 0.38 11.40 7.72
N ILE A 318 1.21 10.47 7.26
CA ILE A 318 2.64 10.57 7.50
C ILE A 318 3.22 11.74 6.72
N LYS A 319 3.80 12.70 7.45
CA LYS A 319 4.55 13.81 6.89
C LYS A 319 3.82 14.47 5.72
N VAL A 320 2.56 14.80 5.94
CA VAL A 320 1.78 15.45 4.91
C VAL A 320 2.14 16.94 4.85
N LEU A 321 2.02 17.49 3.65
CA LEU A 321 2.08 18.93 3.43
C LEU A 321 0.66 19.49 3.48
N THR A 322 0.50 20.62 4.16
CA THR A 322 -0.83 21.22 4.30
C THR A 322 -0.70 22.73 4.24
N GLY A 323 -1.86 23.41 4.22
CA GLY A 323 -1.85 24.86 4.20
C GLY A 323 -1.37 25.43 2.88
N SER A 324 -0.25 26.15 2.90
CA SER A 324 0.34 26.62 1.67
C SER A 324 1.61 25.86 1.29
N GLN A 325 2.01 24.88 2.08
CA GLN A 325 3.14 24.01 1.71
C GLN A 325 2.81 23.26 0.44
N GLY A 326 3.83 22.98 -0.36
CA GLY A 326 3.61 22.20 -1.59
C GLY A 326 2.66 22.91 -2.54
N GLN A 327 2.09 22.12 -3.46
CA GLN A 327 1.22 22.64 -4.50
C GLN A 327 0.01 21.74 -4.63
N ILE A 328 -0.98 22.18 -5.40
CA ILE A 328 -1.97 21.27 -5.94
C ILE A 328 -1.52 20.92 -7.35
N ARG A 329 -1.06 19.69 -7.53
CA ARG A 329 -0.51 19.31 -8.83
C ARG A 329 -1.63 19.20 -9.86
N SER A 330 -1.39 19.79 -11.04
CA SER A 330 -2.42 19.75 -12.07
C SER A 330 -2.39 18.42 -12.81
N ASN A 331 -1.19 17.92 -13.01
CA ASN A 331 -0.92 16.71 -13.77
C ASN A 331 -0.09 15.83 -12.86
N CYS A 332 -0.65 14.71 -12.41
CA CYS A 332 -0.05 13.98 -11.30
C CYS A 332 1.35 13.46 -11.62
N SER A 333 1.68 13.27 -12.90
CA SER A 333 2.98 12.77 -13.33
C SER A 333 4.02 13.86 -13.55
N ALA A 334 3.67 15.13 -13.35
CA ALA A 334 4.59 16.19 -13.76
C ALA A 334 4.49 17.36 -12.79
N ARG A 335 5.62 18.05 -12.62
CA ARG A 335 5.66 19.25 -11.81
C ARG A 335 4.84 20.36 -12.45
N ASN A 336 4.21 21.19 -11.66
CA ASN A 336 3.56 22.35 -12.15
C ASN A 336 4.67 23.28 -12.72
#